data_9GRS
#
_entry.id   9GRS
#
_cell.length_a   41.688
_cell.length_b   41.940
_cell.length_c   157.744
_cell.angle_alpha   90.00
_cell.angle_beta   90.00
_cell.angle_gamma   90.00
#
_symmetry.space_group_name_H-M   'P 21 21 21'
#
loop_
_entity.id
_entity.type
_entity.pdbx_description
1 polymer 'Hepatoma-derived growth factor-related protein 2'
2 non-polymer 'DIMETHYL SULFOXIDE'
3 non-polymer 'SULFATE ION'
4 non-polymer 1-bromanyl-4-methylsulfonyl-benzene
5 water water
#
_entity_poly.entity_id   1
_entity_poly.type   'polypeptide(L)'
_entity_poly.pdbx_seq_one_letter_code
;GMPHAFKPGDLVFAKMKGYPHWPARIDDIADGAVKPPPNKYPIFFFGTHETAFLGPKDLFPYDKCKDKYGKPNKRKGFNE
GLWEIQNNPHASYS
;
_entity_poly.pdbx_strand_id   A,B,C
#
loop_
_chem_comp.id
_chem_comp.type
_chem_comp.name
_chem_comp.formula
A1H6Y non-polymer 1-bromanyl-4-methylsulfonyl-benzene 'C7 H7 Br O2 S'
DMS non-polymer 'DIMETHYL SULFOXIDE' 'C2 H6 O S'
SO4 non-polymer 'SULFATE ION' 'O4 S -2'
#
# COMPACT_ATOMS: atom_id res chain seq x y z
N MET A 2 2.70 -26.82 9.91
CA MET A 2 4.08 -26.56 9.53
C MET A 2 4.16 -25.41 8.54
N PRO A 3 5.24 -24.63 8.62
CA PRO A 3 5.33 -23.41 7.81
C PRO A 3 5.47 -23.69 6.32
N HIS A 4 4.94 -22.76 5.53
CA HIS A 4 5.06 -22.76 4.09
C HIS A 4 6.09 -21.72 3.66
N ALA A 5 6.37 -21.70 2.36
CA ALA A 5 7.20 -20.64 1.81
C ALA A 5 6.44 -19.32 1.85
N PHE A 6 7.20 -18.22 1.86
CA PHE A 6 6.56 -16.91 1.85
C PHE A 6 5.81 -16.68 0.54
N LYS A 7 4.73 -15.92 0.62
CA LYS A 7 3.88 -15.64 -0.52
C LYS A 7 3.41 -14.20 -0.44
N PRO A 8 3.03 -13.60 -1.58
CA PRO A 8 2.52 -12.23 -1.56
C PRO A 8 1.35 -12.10 -0.58
N GLY A 9 1.38 -11.00 0.20
CA GLY A 9 0.39 -10.74 1.21
C GLY A 9 0.81 -11.11 2.62
N ASP A 10 1.83 -11.97 2.77
CA ASP A 10 2.30 -12.32 4.10
C ASP A 10 2.82 -11.09 4.83
N LEU A 11 2.50 -10.99 6.12
CA LEU A 11 2.89 -9.84 6.93
C LEU A 11 4.10 -10.22 7.77
N VAL A 12 5.09 -9.32 7.81
CA VAL A 12 6.38 -9.61 8.41
C VAL A 12 6.90 -8.39 9.14
N PHE A 13 7.92 -8.61 9.97
CA PHE A 13 8.91 -7.59 10.25
C PHE A 13 10.13 -7.91 9.39
N ALA A 14 10.62 -6.91 8.65
CA ALA A 14 11.76 -7.08 7.77
C ALA A 14 12.94 -6.32 8.33
N LYS A 15 14.12 -6.96 8.32
CA LYS A 15 15.31 -6.40 8.95
C LYS A 15 16.27 -5.92 7.88
N MET A 16 16.63 -4.64 7.95
CA MET A 16 17.64 -4.03 7.09
C MET A 16 18.77 -3.50 7.97
N LYS A 17 19.99 -3.54 7.42
CA LYS A 17 21.14 -2.99 8.12
C LYS A 17 20.88 -1.55 8.53
N GLY A 18 21.15 -1.24 9.79
CA GLY A 18 20.97 0.09 10.32
C GLY A 18 19.54 0.49 10.65
N TYR A 19 18.57 -0.42 10.47
CA TYR A 19 17.18 -0.14 10.76
C TYR A 19 16.65 -1.17 11.75
N PRO A 20 15.72 -0.78 12.61
CA PRO A 20 15.04 -1.76 13.45
C PRO A 20 14.16 -2.67 12.59
N HIS A 21 13.82 -3.83 13.14
CA HIS A 21 12.87 -4.73 12.49
C HIS A 21 11.60 -3.96 12.18
N TRP A 22 11.21 -3.95 10.90
CA TRP A 22 10.28 -2.96 10.38
C TRP A 22 9.01 -3.63 9.86
N PRO A 23 7.83 -3.14 10.23
CA PRO A 23 6.59 -3.74 9.71
C PRO A 23 6.54 -3.64 8.18
N ALA A 24 6.23 -4.76 7.53
CA ALA A 24 6.30 -4.83 6.09
C ALA A 24 5.41 -5.96 5.59
N ARG A 25 5.29 -6.07 4.28
CA ARG A 25 4.55 -7.18 3.68
C ARG A 25 5.30 -7.66 2.44
N ILE A 26 5.06 -8.93 2.10
CA ILE A 26 5.48 -9.44 0.80
C ILE A 26 4.56 -8.85 -0.25
N ASP A 27 5.13 -8.09 -1.17
CA ASP A 27 4.32 -7.49 -2.22
C ASP A 27 4.10 -8.47 -3.35
N ASP A 28 3.08 -8.19 -4.15
CA ASP A 28 2.99 -8.85 -5.43
C ASP A 28 3.83 -8.08 -6.44
N ILE A 29 4.00 -8.67 -7.61
CA ILE A 29 4.67 -8.02 -8.73
C ILE A 29 3.62 -7.76 -9.79
N ALA A 30 3.39 -6.47 -10.08
CA ALA A 30 2.42 -6.12 -11.11
C ALA A 30 2.91 -6.58 -12.48
N ASP A 31 1.96 -6.81 -13.37
CA ASP A 31 2.30 -7.10 -14.75
C ASP A 31 3.19 -6.00 -15.31
N GLY A 32 4.27 -6.39 -15.97
CA GLY A 32 5.19 -5.45 -16.57
C GLY A 32 6.10 -4.72 -15.62
N ALA A 33 6.09 -5.07 -14.34
CA ALA A 33 6.92 -4.40 -13.34
C ALA A 33 8.24 -5.16 -13.15
N VAL A 34 9.23 -4.45 -12.60
CA VAL A 34 10.54 -5.06 -12.36
C VAL A 34 10.42 -6.16 -11.33
N LYS A 35 10.99 -7.34 -11.65
CA LYS A 35 11.04 -8.55 -10.86
C LYS A 35 12.25 -8.56 -9.93
N PRO A 36 12.16 -9.23 -8.79
CA PRO A 36 13.28 -9.27 -7.85
C PRO A 36 14.35 -10.26 -8.32
N PRO A 37 15.56 -10.16 -7.77
CA PRO A 37 16.59 -11.18 -8.05
C PRO A 37 16.13 -12.55 -7.60
N PRO A 38 16.80 -13.61 -8.05
CA PRO A 38 16.42 -14.95 -7.60
C PRO A 38 16.55 -15.10 -6.09
N ASN A 39 15.64 -15.89 -5.52
CA ASN A 39 15.57 -16.16 -4.08
C ASN A 39 15.32 -14.89 -3.26
N LYS A 40 14.88 -13.81 -3.90
CA LYS A 40 14.50 -12.59 -3.20
C LYS A 40 13.02 -12.32 -3.38
N TYR A 41 12.47 -11.57 -2.44
CA TYR A 41 11.08 -11.17 -2.43
C TYR A 41 10.97 -9.66 -2.46
N PRO A 42 9.94 -9.10 -3.11
CA PRO A 42 9.71 -7.65 -3.01
C PRO A 42 9.05 -7.34 -1.67
N ILE A 43 9.76 -6.55 -0.85
CA ILE A 43 9.30 -6.25 0.50
C ILE A 43 8.83 -4.80 0.53
N PHE A 44 7.55 -4.60 0.77
CA PHE A 44 6.97 -3.27 0.90
C PHE A 44 6.97 -2.88 2.38
N PHE A 45 7.66 -1.79 2.71
CA PHE A 45 7.78 -1.35 4.09
C PHE A 45 6.66 -0.38 4.41
N PHE A 46 5.86 -0.70 5.42
CA PHE A 46 4.78 0.19 5.82
C PHE A 46 5.37 1.47 6.39
N GLY A 47 4.60 2.55 6.30
CA GLY A 47 5.06 3.84 6.76
C GLY A 47 5.89 4.58 5.74
N THR A 48 7.10 4.08 5.47
CA THR A 48 7.93 4.71 4.44
C THR A 48 7.43 4.42 3.04
N HIS A 49 6.72 3.30 2.86
CA HIS A 49 6.16 2.87 1.58
C HIS A 49 7.24 2.59 0.54
N GLU A 50 8.45 2.25 0.99
CA GLU A 50 9.54 1.90 0.10
C GLU A 50 9.60 0.38 -0.11
N THR A 51 10.20 -0.02 -1.23
CA THR A 51 10.34 -1.43 -1.57
C THR A 51 11.82 -1.79 -1.63
N ALA A 52 12.18 -2.90 -1.00
CA ALA A 52 13.50 -3.49 -1.14
C ALA A 52 13.35 -4.98 -1.41
N PHE A 53 14.41 -5.58 -1.97
CA PHE A 53 14.41 -7.00 -2.32
C PHE A 53 15.19 -7.74 -1.24
N LEU A 54 14.51 -8.65 -0.53
CA LEU A 54 15.09 -9.31 0.63
C LEU A 54 14.88 -10.81 0.55
N GLY A 55 15.77 -11.54 1.21
CA GLY A 55 15.63 -12.98 1.33
C GLY A 55 15.03 -13.34 2.67
N PRO A 56 14.61 -14.61 2.82
CA PRO A 56 13.95 -15.03 4.06
C PRO A 56 14.76 -14.83 5.33
N LYS A 57 16.09 -14.73 5.23
CA LYS A 57 16.89 -14.55 6.44
C LYS A 57 16.55 -13.26 7.17
N ASP A 58 15.96 -12.28 6.46
CA ASP A 58 15.63 -11.00 7.05
C ASP A 58 14.14 -10.82 7.28
N LEU A 59 13.35 -11.89 7.17
CA LEU A 59 11.89 -11.82 7.25
C LEU A 59 11.41 -12.61 8.46
N PHE A 60 10.72 -11.93 9.37
CA PHE A 60 10.19 -12.49 10.60
C PHE A 60 8.66 -12.41 10.57
N PRO A 61 7.95 -13.47 10.95
CA PRO A 61 6.48 -13.42 10.89
C PRO A 61 5.91 -12.36 11.82
N TYR A 62 4.97 -11.56 11.31
CA TYR A 62 4.44 -10.44 12.07
C TYR A 62 3.72 -10.92 13.32
N ASP A 63 2.85 -11.93 13.18
CA ASP A 63 2.05 -12.36 14.32
C ASP A 63 2.92 -12.96 15.42
N LYS A 64 3.90 -13.78 15.05
CA LYS A 64 4.79 -14.40 16.03
C LYS A 64 5.61 -13.36 16.77
N CYS A 65 6.03 -12.31 16.08
CA CYS A 65 7.08 -11.43 16.61
C CYS A 65 6.60 -10.02 16.96
N LYS A 66 5.28 -9.76 16.92
CA LYS A 66 4.84 -8.38 17.14
C LYS A 66 5.00 -7.96 18.60
N ASP A 67 4.93 -8.91 19.54
CA ASP A 67 5.20 -8.55 20.93
C ASP A 67 6.61 -8.03 21.11
N LYS A 68 7.56 -8.56 20.33
CA LYS A 68 8.95 -8.16 20.44
C LYS A 68 9.29 -6.93 19.61
N TYR A 69 8.74 -6.83 18.40
CA TYR A 69 9.14 -5.81 17.43
C TYR A 69 8.11 -4.71 17.23
N GLY A 70 6.87 -4.91 17.64
CA GLY A 70 5.80 -3.96 17.34
C GLY A 70 5.60 -2.89 18.39
N LYS A 71 6.68 -2.26 18.82
CA LYS A 71 6.63 -1.14 19.74
C LYS A 71 6.97 0.15 19.00
N PRO A 72 6.50 1.30 19.46
CA PRO A 72 6.84 2.56 18.80
C PRO A 72 8.35 2.78 18.74
N ASN A 73 8.78 3.45 17.68
CA ASN A 73 10.19 3.69 17.41
C ASN A 73 10.35 5.11 16.89
N LYS A 74 11.50 5.71 17.17
CA LYS A 74 11.72 7.11 16.81
C LYS A 74 11.95 7.30 15.31
N ARG A 75 12.26 6.23 14.59
CA ARG A 75 12.64 6.36 13.19
C ARG A 75 11.47 6.82 12.33
N LYS A 76 11.80 7.62 11.31
CA LYS A 76 10.79 8.24 10.46
C LYS A 76 9.93 7.19 9.78
N GLY A 77 8.61 7.31 9.94
CA GLY A 77 7.67 6.43 9.28
C GLY A 77 7.33 5.17 10.04
N PHE A 78 8.05 4.86 11.12
CA PHE A 78 7.85 3.58 11.80
C PHE A 78 6.46 3.48 12.42
N ASN A 79 6.05 4.52 13.13
CA ASN A 79 4.78 4.45 13.85
C ASN A 79 3.59 4.52 12.90
N GLU A 80 3.71 5.25 11.80
CA GLU A 80 2.71 5.14 10.75
C GLU A 80 2.67 3.71 10.21
N GLY A 81 3.85 3.09 10.05
CA GLY A 81 3.89 1.72 9.57
C GLY A 81 3.23 0.74 10.53
N LEU A 82 3.42 0.95 11.83
CA LEU A 82 2.73 0.09 12.81
C LEU A 82 1.21 0.20 12.64
N TRP A 83 0.70 1.41 12.41
CA TRP A 83 -0.74 1.55 12.19
C TRP A 83 -1.18 0.81 10.94
N GLU A 84 -0.39 0.91 9.87
CA GLU A 84 -0.78 0.30 8.60
C GLU A 84 -0.83 -1.21 8.70
N ILE A 85 0.20 -1.83 9.29
CA ILE A 85 0.22 -3.29 9.32
C ILE A 85 -0.91 -3.84 10.19
N GLN A 86 -1.34 -3.08 11.19
CA GLN A 86 -2.40 -3.56 12.08
C GLN A 86 -3.78 -3.30 11.52
N ASN A 87 -3.97 -2.17 10.82
CA ASN A 87 -5.30 -1.70 10.48
C ASN A 87 -5.66 -1.76 9.00
N ASN A 88 -4.69 -1.69 8.08
CA ASN A 88 -5.01 -1.91 6.67
C ASN A 88 -3.79 -2.44 5.93
N PRO A 89 -3.33 -3.64 6.27
CA PRO A 89 -2.06 -4.13 5.71
C PRO A 89 -2.10 -4.48 4.24
N HIS A 90 -3.28 -4.69 3.66
CA HIS A 90 -3.37 -5.09 2.26
C HIS A 90 -3.87 -3.98 1.35
N ALA A 91 -3.90 -2.74 1.83
CA ALA A 91 -4.43 -1.65 1.04
C ALA A 91 -3.45 -1.25 -0.07
N SER A 92 -3.96 -0.46 -1.02
CA SER A 92 -3.11 0.16 -2.03
C SER A 92 -2.47 1.41 -1.44
N TYR A 93 -1.14 1.49 -1.48
CA TYR A 93 -0.43 2.65 -0.95
C TYR A 93 0.29 3.41 -2.05
N MET B 2 -13.84 -2.14 -42.56
CA MET B 2 -12.88 -1.35 -43.33
C MET B 2 -11.46 -1.79 -43.07
N PRO B 3 -10.72 -2.11 -44.14
CA PRO B 3 -9.28 -2.35 -43.98
C PRO B 3 -8.58 -1.11 -43.48
N HIS B 4 -7.87 -1.25 -42.37
CA HIS B 4 -7.07 -0.19 -41.80
C HIS B 4 -5.60 -0.51 -41.98
N ALA B 5 -4.75 0.45 -41.58
CA ALA B 5 -3.31 0.23 -41.64
C ALA B 5 -2.91 -1.01 -40.85
N PHE B 6 -3.54 -1.20 -39.69
CA PHE B 6 -3.38 -2.39 -38.87
C PHE B 6 -4.63 -3.24 -38.96
N LYS B 7 -4.46 -4.54 -39.18
CA LYS B 7 -5.56 -5.47 -39.23
C LYS B 7 -5.42 -6.50 -38.10
N PRO B 8 -6.54 -7.07 -37.66
CA PRO B 8 -6.47 -8.08 -36.59
C PRO B 8 -5.50 -9.20 -36.92
N GLY B 9 -4.65 -9.55 -35.95
CA GLY B 9 -3.60 -10.52 -36.15
C GLY B 9 -2.25 -9.92 -36.46
N ASP B 10 -2.17 -8.64 -36.76
CA ASP B 10 -0.87 -8.01 -36.95
C ASP B 10 -0.07 -8.08 -35.67
N LEU B 11 1.22 -8.39 -35.80
CA LEU B 11 2.12 -8.52 -34.67
C LEU B 11 2.95 -7.25 -34.53
N VAL B 12 3.02 -6.71 -33.32
CA VAL B 12 3.62 -5.41 -33.09
C VAL B 12 4.41 -5.42 -31.78
N PHE B 13 5.20 -4.37 -31.58
CA PHE B 13 5.59 -3.95 -30.25
C PHE B 13 4.71 -2.76 -29.90
N ALA B 14 4.09 -2.80 -28.73
CA ALA B 14 3.20 -1.74 -28.27
C ALA B 14 3.87 -1.00 -27.14
N LYS B 15 3.87 0.33 -27.20
CA LYS B 15 4.57 1.16 -26.23
C LYS B 15 3.57 1.86 -25.32
N MET B 16 3.74 1.67 -24.02
CA MET B 16 2.97 2.38 -23.00
C MET B 16 3.94 3.09 -22.06
N LYS B 17 3.54 4.24 -21.57
CA LYS B 17 4.40 5.02 -20.68
C LYS B 17 4.73 4.17 -19.45
N GLY B 18 6.02 4.12 -19.10
CA GLY B 18 6.47 3.35 -17.97
C GLY B 18 6.87 1.92 -18.28
N TYR B 19 6.67 1.46 -19.51
CA TYR B 19 6.98 0.10 -19.92
C TYR B 19 7.83 0.11 -21.18
N PRO B 20 8.70 -0.88 -21.36
CA PRO B 20 9.41 -1.00 -22.63
C PRO B 20 8.44 -1.43 -23.73
N HIS B 21 8.86 -1.16 -24.97
CA HIS B 21 8.12 -1.66 -26.13
C HIS B 21 7.83 -3.14 -25.95
N TRP B 22 6.55 -3.51 -26.06
CA TRP B 22 6.09 -4.78 -25.54
C TRP B 22 5.51 -5.64 -26.65
N PRO B 23 5.90 -6.91 -26.75
CA PRO B 23 5.34 -7.79 -27.80
C PRO B 23 3.83 -7.90 -27.65
N ALA B 24 3.13 -7.71 -28.77
CA ALA B 24 1.68 -7.60 -28.71
C ALA B 24 1.10 -7.91 -30.07
N ARG B 25 -0.24 -7.94 -30.12
CA ARG B 25 -0.95 -8.17 -31.37
C ARG B 25 -2.15 -7.25 -31.43
N ILE B 26 -2.56 -6.93 -32.65
CA ILE B 26 -3.82 -6.24 -32.89
C ILE B 26 -4.92 -7.27 -32.75
N ASP B 27 -5.86 -7.01 -31.84
CA ASP B 27 -6.99 -7.92 -31.66
C ASP B 27 -8.14 -7.51 -32.58
N ASP B 28 -9.05 -8.44 -32.78
CA ASP B 28 -10.28 -8.11 -33.46
C ASP B 28 -11.28 -7.51 -32.46
N ILE B 29 -12.21 -6.73 -32.98
CA ILE B 29 -13.31 -6.20 -32.19
C ILE B 29 -14.41 -7.26 -32.21
N ALA B 30 -14.55 -7.99 -31.10
CA ALA B 30 -15.57 -9.02 -31.01
C ALA B 30 -16.95 -8.42 -31.27
N ASP B 31 -17.78 -9.15 -32.01
CA ASP B 31 -19.09 -8.66 -32.37
C ASP B 31 -19.92 -8.40 -31.11
N GLY B 32 -20.49 -7.19 -31.02
CA GLY B 32 -21.25 -6.79 -29.86
C GLY B 32 -20.44 -6.24 -28.72
N ALA B 33 -19.14 -6.02 -28.89
CA ALA B 33 -18.26 -5.58 -27.83
C ALA B 33 -18.01 -4.07 -27.90
N VAL B 34 -17.35 -3.57 -26.86
CA VAL B 34 -17.03 -2.15 -26.79
C VAL B 34 -16.11 -1.76 -27.92
N LYS B 35 -16.38 -0.62 -28.55
CA LYS B 35 -15.46 -0.21 -29.61
C LYS B 35 -14.34 0.64 -29.04
N PRO B 36 -13.16 0.59 -29.65
CA PRO B 36 -12.06 1.47 -29.23
C PRO B 36 -12.40 2.91 -29.50
N PRO B 37 -11.78 3.84 -28.78
CA PRO B 37 -11.91 5.26 -29.12
C PRO B 37 -11.43 5.51 -30.54
N PRO B 38 -11.86 6.60 -31.18
CA PRO B 38 -11.42 6.85 -32.55
C PRO B 38 -9.91 6.94 -32.64
N ASN B 39 -9.37 6.42 -33.75
CA ASN B 39 -7.96 6.39 -34.12
C ASN B 39 -7.19 5.28 -33.40
N LYS B 40 -7.83 4.48 -32.56
CA LYS B 40 -7.12 3.52 -31.71
C LYS B 40 -7.56 2.08 -32.02
N TYR B 41 -6.74 1.14 -31.59
CA TYR B 41 -6.89 -0.28 -31.85
C TYR B 41 -6.90 -1.06 -30.55
N PRO B 42 -7.62 -2.18 -30.49
CA PRO B 42 -7.54 -3.07 -29.33
C PRO B 42 -6.24 -3.86 -29.38
N ILE B 43 -5.44 -3.73 -28.33
CA ILE B 43 -4.13 -4.37 -28.24
C ILE B 43 -4.20 -5.49 -27.21
N PHE B 44 -3.57 -6.62 -27.53
CA PHE B 44 -3.38 -7.73 -26.60
C PHE B 44 -1.89 -7.86 -26.34
N PHE B 45 -1.49 -7.75 -25.08
CA PHE B 45 -0.08 -7.82 -24.71
C PHE B 45 0.29 -9.26 -24.37
N PHE B 46 1.28 -9.80 -25.09
CA PHE B 46 1.70 -11.16 -24.82
C PHE B 46 2.40 -11.25 -23.46
N GLY B 47 2.39 -12.46 -22.90
CA GLY B 47 3.00 -12.68 -21.60
C GLY B 47 2.12 -12.25 -20.44
N THR B 48 1.76 -10.97 -20.40
CA THR B 48 0.85 -10.49 -19.36
C THR B 48 -0.60 -10.77 -19.70
N HIS B 49 -0.91 -10.91 -21.00
CA HIS B 49 -2.28 -11.07 -21.50
C HIS B 49 -3.17 -9.89 -21.13
N GLU B 50 -2.56 -8.74 -20.83
CA GLU B 50 -3.33 -7.52 -20.62
C GLU B 50 -3.84 -6.98 -21.95
N THR B 51 -4.80 -6.07 -21.88
CA THR B 51 -5.35 -5.42 -23.05
C THR B 51 -5.41 -3.92 -22.84
N ALA B 52 -5.34 -3.18 -23.94
CA ALA B 52 -5.45 -1.73 -23.91
C ALA B 52 -5.78 -1.23 -25.31
N PHE B 53 -6.19 0.03 -25.37
CA PHE B 53 -6.43 0.72 -26.64
C PHE B 53 -5.27 1.65 -26.91
N LEU B 54 -4.63 1.49 -28.06
CA LEU B 54 -3.48 2.31 -28.43
C LEU B 54 -3.63 2.81 -29.86
N GLY B 55 -3.01 3.96 -30.12
CA GLY B 55 -2.98 4.51 -31.46
C GLY B 55 -1.70 4.18 -32.19
N PRO B 56 -1.68 4.42 -33.51
CA PRO B 56 -0.51 4.03 -34.33
C PRO B 56 0.82 4.58 -33.86
N LYS B 57 0.84 5.74 -33.19
CA LYS B 57 2.11 6.29 -32.75
C LYS B 57 2.82 5.39 -31.76
N ASP B 58 2.09 4.49 -31.09
CA ASP B 58 2.66 3.60 -30.11
C ASP B 58 2.76 2.16 -30.61
N LEU B 59 2.54 1.94 -31.90
CA LEU B 59 2.53 0.59 -32.47
C LEU B 59 3.66 0.47 -33.49
N PHE B 60 4.53 -0.52 -33.29
CA PHE B 60 5.72 -0.76 -34.10
C PHE B 60 5.67 -2.17 -34.69
N PRO B 61 5.97 -2.33 -35.97
CA PRO B 61 5.89 -3.68 -36.57
C PRO B 61 6.87 -4.65 -35.93
N TYR B 62 6.38 -5.85 -35.61
CA TYR B 62 7.19 -6.80 -34.85
C TYR B 62 8.41 -7.25 -35.65
N ASP B 63 8.20 -7.73 -36.88
CA ASP B 63 9.31 -8.26 -37.67
C ASP B 63 10.34 -7.18 -37.98
N LYS B 64 9.88 -5.97 -38.30
CA LYS B 64 10.79 -4.90 -38.64
C LYS B 64 11.68 -4.50 -37.47
N CYS B 65 11.12 -4.50 -36.25
CA CYS B 65 11.78 -3.87 -35.12
C CYS B 65 12.12 -4.83 -33.99
N LYS B 66 12.06 -6.15 -34.22
CA LYS B 66 12.35 -7.09 -33.14
C LYS B 66 13.83 -7.13 -32.80
N ASP B 67 14.71 -6.83 -33.76
CA ASP B 67 16.13 -6.74 -33.46
C ASP B 67 16.41 -5.66 -32.43
N LYS B 68 15.59 -4.61 -32.39
CA LYS B 68 15.78 -3.52 -31.45
C LYS B 68 15.01 -3.73 -30.15
N TYR B 69 13.73 -4.10 -30.24
CA TYR B 69 12.85 -4.15 -29.07
C TYR B 69 12.71 -5.53 -28.47
N GLY B 70 13.25 -6.57 -29.12
CA GLY B 70 12.99 -7.93 -28.67
C GLY B 70 14.06 -8.54 -27.79
N LYS B 71 14.78 -7.72 -27.06
CA LYS B 71 15.75 -8.32 -26.15
C LYS B 71 15.10 -8.57 -24.79
N PRO B 72 15.46 -9.68 -24.13
CA PRO B 72 14.87 -9.97 -22.82
C PRO B 72 15.18 -8.87 -21.81
N ASN B 73 14.31 -8.76 -20.81
CA ASN B 73 14.55 -7.82 -19.72
C ASN B 73 13.97 -8.41 -18.44
N LYS B 74 13.82 -7.55 -17.44
CA LYS B 74 13.48 -7.92 -16.08
C LYS B 74 12.02 -7.63 -15.74
N ARG B 75 11.23 -7.17 -16.71
CA ARG B 75 9.84 -6.85 -16.47
C ARG B 75 9.01 -8.13 -16.46
N LYS B 76 8.07 -8.20 -15.52
CA LYS B 76 7.26 -9.41 -15.35
C LYS B 76 6.39 -9.63 -16.58
N GLY B 77 6.47 -10.84 -17.14
CA GLY B 77 5.69 -11.21 -18.30
C GLY B 77 6.38 -10.97 -19.63
N PHE B 78 7.54 -10.31 -19.64
CA PHE B 78 8.12 -9.92 -20.92
C PHE B 78 8.73 -11.11 -21.66
N ASN B 79 9.50 -11.94 -20.96
CA ASN B 79 10.13 -13.07 -21.62
C ASN B 79 9.10 -14.10 -22.06
N GLU B 80 8.04 -14.29 -21.26
CA GLU B 80 6.95 -15.13 -21.72
C GLU B 80 6.24 -14.53 -22.92
N GLY B 81 6.17 -13.20 -22.98
CA GLY B 81 5.58 -12.55 -24.14
C GLY B 81 6.41 -12.74 -25.39
N LEU B 82 7.74 -12.68 -25.24
CA LEU B 82 8.62 -12.97 -26.37
C LEU B 82 8.42 -14.40 -26.87
N TRP B 83 8.23 -15.35 -25.96
CA TRP B 83 7.97 -16.72 -26.37
C TRP B 83 6.65 -16.82 -27.13
N GLU B 84 5.61 -16.16 -26.62
CA GLU B 84 4.29 -16.28 -27.22
C GLU B 84 4.24 -15.69 -28.62
N ILE B 85 4.82 -14.50 -28.80
CA ILE B 85 4.70 -13.85 -30.10
C ILE B 85 5.46 -14.63 -31.17
N GLN B 86 6.49 -15.38 -30.77
CA GLN B 86 7.28 -16.14 -31.73
C GLN B 86 6.71 -17.54 -31.98
N ASN B 87 6.08 -18.15 -30.97
CA ASN B 87 5.69 -19.55 -31.06
C ASN B 87 4.20 -19.77 -31.26
N ASN B 88 3.34 -18.89 -30.75
CA ASN B 88 1.90 -19.05 -30.98
C ASN B 88 1.22 -17.70 -30.84
N PRO B 89 1.47 -16.76 -31.76
CA PRO B 89 0.95 -15.40 -31.60
C PRO B 89 -0.56 -15.28 -31.78
N HIS B 90 -1.20 -16.24 -32.45
CA HIS B 90 -2.63 -16.11 -32.74
C HIS B 90 -3.50 -16.99 -31.86
N ALA B 91 -2.93 -17.64 -30.85
CA ALA B 91 -3.69 -18.53 -30.00
C ALA B 91 -4.69 -17.75 -29.14
N SER B 92 -5.69 -18.48 -28.64
CA SER B 92 -6.57 -17.95 -27.61
C SER B 92 -5.87 -18.07 -26.26
N TYR B 93 -5.71 -16.95 -25.56
CA TYR B 93 -5.04 -16.95 -24.27
C TYR B 93 -5.99 -16.72 -23.10
N SER B 94 -7.26 -16.43 -23.36
CA SER B 94 -8.27 -16.42 -22.31
C SER B 94 -8.76 -17.85 -22.07
N HIS C 4 -23.55 11.68 26.05
CA HIS C 4 -23.07 10.82 27.11
C HIS C 4 -21.87 11.42 27.83
N ALA C 5 -22.03 11.67 29.13
CA ALA C 5 -20.94 12.19 29.93
C ALA C 5 -19.92 11.09 30.20
N PHE C 6 -18.66 11.38 29.95
CA PHE C 6 -17.58 10.41 30.07
C PHE C 6 -17.11 10.31 31.53
N LYS C 7 -16.31 9.27 31.79
CA LYS C 7 -15.75 8.99 33.11
C LYS C 7 -14.25 8.79 32.96
N PRO C 8 -13.47 9.01 34.04
CA PRO C 8 -12.01 8.82 33.96
C PRO C 8 -11.61 7.46 33.41
N GLY C 9 -10.83 7.45 32.33
CA GLY C 9 -10.38 6.24 31.67
C GLY C 9 -10.97 6.01 30.29
N ASP C 10 -12.11 6.64 29.99
CA ASP C 10 -12.74 6.44 28.68
C ASP C 10 -11.84 6.97 27.58
N LEU C 11 -11.84 6.27 26.44
CA LEU C 11 -11.01 6.62 25.29
C LEU C 11 -11.83 7.40 24.28
N VAL C 12 -11.24 8.48 23.74
CA VAL C 12 -11.95 9.40 22.85
C VAL C 12 -11.00 9.90 21.78
N PHE C 13 -11.58 10.57 20.79
CA PHE C 13 -10.88 11.55 19.98
C PHE C 13 -11.24 12.93 20.49
N ALA C 14 -10.24 13.74 20.80
CA ALA C 14 -10.45 15.06 21.39
C ALA C 14 -9.98 16.11 20.39
N LYS C 15 -10.82 17.11 20.14
CA LYS C 15 -10.55 18.15 19.15
C LYS C 15 -10.22 19.46 19.86
N MET C 16 -8.98 19.90 19.73
CA MET C 16 -8.56 21.22 20.19
C MET C 16 -8.36 22.12 18.99
N LYS C 17 -8.56 23.42 19.19
CA LYS C 17 -8.26 24.38 18.13
C LYS C 17 -6.79 24.30 17.78
N GLY C 18 -6.51 24.17 16.48
CA GLY C 18 -5.16 24.09 15.98
C GLY C 18 -4.61 22.68 15.80
N TYR C 19 -5.40 21.66 16.07
CA TYR C 19 -4.95 20.27 15.99
C TYR C 19 -6.07 19.41 15.39
N PRO C 20 -5.70 18.31 14.73
CA PRO C 20 -6.72 17.38 14.25
C PRO C 20 -7.31 16.58 15.40
N HIS C 21 -8.38 15.88 15.11
CA HIS C 21 -8.99 15.03 16.12
C HIS C 21 -7.96 14.03 16.62
N TRP C 22 -7.73 14.03 17.93
CA TRP C 22 -6.57 13.41 18.53
C TRP C 22 -6.96 12.25 19.43
N PRO C 23 -6.32 11.09 19.32
CA PRO C 23 -6.58 10.00 20.27
C PRO C 23 -6.25 10.44 21.69
N ALA C 24 -7.19 10.22 22.61
CA ALA C 24 -7.04 10.75 23.96
C ALA C 24 -7.90 9.93 24.90
N ARG C 25 -7.77 10.24 26.19
CA ARG C 25 -8.55 9.59 27.24
C ARG C 25 -8.93 10.61 28.31
N ILE C 26 -9.97 10.27 29.06
CA ILE C 26 -10.43 11.09 30.18
C ILE C 26 -9.56 10.79 31.39
N ASP C 27 -9.17 11.85 32.10
CA ASP C 27 -8.37 11.73 33.31
C ASP C 27 -9.23 12.01 34.55
N ASP C 28 -8.62 11.84 35.71
CA ASP C 28 -9.27 12.02 37.00
C ASP C 28 -8.50 13.08 37.76
N ILE C 29 -9.11 14.26 37.95
CA ILE C 29 -8.46 15.30 38.73
C ILE C 29 -8.33 14.84 40.17
N ALA C 30 -7.16 15.08 40.76
CA ALA C 30 -6.97 14.78 42.18
C ALA C 30 -7.88 15.66 43.02
N ASP C 31 -8.34 15.11 44.15
CA ASP C 31 -9.22 15.86 45.04
C ASP C 31 -8.55 17.12 45.56
N GLY C 32 -7.23 17.10 45.73
CA GLY C 32 -6.52 18.29 46.16
C GLY C 32 -6.19 19.25 45.04
N ALA C 33 -6.11 18.73 43.82
CA ALA C 33 -5.81 19.58 42.67
C ALA C 33 -6.98 20.51 42.36
N VAL C 34 -6.69 21.57 41.61
CA VAL C 34 -7.73 22.52 41.26
C VAL C 34 -8.65 21.90 40.21
N LYS C 35 -9.92 22.28 40.26
CA LYS C 35 -10.94 21.70 39.43
C LYS C 35 -10.96 22.37 38.05
N PRO C 36 -11.55 21.71 37.05
CA PRO C 36 -11.59 22.30 35.71
C PRO C 36 -12.49 23.51 35.67
N PRO C 37 -12.49 24.27 34.58
CA PRO C 37 -13.57 25.21 34.33
C PRO C 37 -14.90 24.48 34.30
N PRO C 38 -16.01 25.17 34.53
CA PRO C 38 -17.31 24.50 34.53
C PRO C 38 -17.55 23.73 33.24
N ASN C 39 -18.02 22.49 33.40
CA ASN C 39 -18.42 21.62 32.29
C ASN C 39 -17.26 21.21 31.41
N LYS C 40 -16.05 21.12 31.96
CA LYS C 40 -14.87 20.70 31.22
C LYS C 40 -14.30 19.42 31.82
N TYR C 41 -13.76 18.57 30.95
CA TYR C 41 -13.09 17.31 31.26
C TYR C 41 -11.58 17.48 31.25
N PRO C 42 -10.86 16.80 32.14
CA PRO C 42 -9.40 16.72 32.02
C PRO C 42 -9.04 15.68 30.96
N ILE C 43 -8.30 16.10 29.95
CA ILE C 43 -7.97 15.25 28.81
C ILE C 43 -6.49 14.93 28.84
N PHE C 44 -6.17 13.66 28.62
CA PHE C 44 -4.80 13.20 28.40
C PHE C 44 -4.68 12.79 26.95
N PHE C 45 -3.77 13.43 26.22
CA PHE C 45 -3.59 13.16 24.79
C PHE C 45 -2.54 12.06 24.63
N PHE C 46 -2.92 10.95 24.00
CA PHE C 46 -1.96 9.91 23.68
C PHE C 46 -0.88 10.45 22.76
N GLY C 47 0.31 9.86 22.84
CA GLY C 47 1.40 10.27 21.98
C GLY C 47 2.20 11.45 22.52
N THR C 48 1.59 12.63 22.53
CA THR C 48 2.27 13.79 23.09
C THR C 48 2.30 13.75 24.61
N HIS C 49 1.35 13.06 25.23
CA HIS C 49 1.21 12.96 26.68
C HIS C 49 0.98 14.32 27.34
N GLU C 50 0.47 15.29 26.58
CA GLU C 50 0.07 16.57 27.14
C GLU C 50 -1.31 16.44 27.79
N THR C 51 -1.70 17.48 28.53
CA THR C 51 -3.02 17.54 29.16
C THR C 51 -3.69 18.85 28.81
N ALA C 52 -5.02 18.86 28.93
CA ALA C 52 -5.83 20.03 28.63
C ALA C 52 -7.23 19.79 29.17
N PHE C 53 -8.01 20.88 29.21
CA PHE C 53 -9.41 20.82 29.61
C PHE C 53 -10.29 21.08 28.39
N LEU C 54 -11.23 20.17 28.13
CA LEU C 54 -12.10 20.27 26.97
C LEU C 54 -13.53 19.96 27.37
N GLY C 55 -14.47 20.54 26.62
CA GLY C 55 -15.88 20.33 26.87
C GLY C 55 -16.45 19.22 25.99
N PRO C 56 -17.69 18.82 26.27
CA PRO C 56 -18.30 17.72 25.51
C PRO C 56 -18.36 17.96 24.02
N LYS C 57 -18.47 19.22 23.59
CA LYS C 57 -18.52 19.54 22.17
C LYS C 57 -17.29 19.03 21.44
N ASP C 58 -16.17 18.89 22.14
CA ASP C 58 -14.89 18.58 21.52
C ASP C 58 -14.50 17.11 21.63
N LEU C 59 -15.41 16.25 22.08
CA LEU C 59 -15.07 14.86 22.41
C LEU C 59 -15.91 13.89 21.58
N PHE C 60 -15.27 12.79 21.17
CA PHE C 60 -15.89 11.75 20.34
C PHE C 60 -15.40 10.38 20.80
N PRO C 61 -16.32 9.48 21.16
CA PRO C 61 -15.88 8.18 21.70
C PRO C 61 -15.03 7.40 20.72
N TYR C 62 -14.02 6.72 21.24
CA TYR C 62 -12.99 6.12 20.38
C TYR C 62 -13.57 5.01 19.52
N ASP C 63 -14.21 4.02 20.14
CA ASP C 63 -14.66 2.84 19.39
C ASP C 63 -15.77 3.18 18.40
N LYS C 64 -16.56 4.21 18.68
CA LYS C 64 -17.62 4.62 17.75
C LYS C 64 -17.08 5.38 16.55
N CYS C 65 -16.03 6.18 16.75
CA CYS C 65 -15.57 7.12 15.73
C CYS C 65 -14.19 6.80 15.17
N LYS C 66 -13.55 5.72 15.63
CA LYS C 66 -12.22 5.37 15.14
C LYS C 66 -12.18 5.25 13.63
N ASP C 67 -13.29 4.84 13.01
CA ASP C 67 -13.29 4.60 11.57
C ASP C 67 -13.06 5.87 10.78
N LYS C 68 -13.46 7.03 11.31
CA LYS C 68 -13.28 8.28 10.60
C LYS C 68 -12.10 9.10 11.09
N TYR C 69 -11.75 9.03 12.38
CA TYR C 69 -10.63 9.81 12.89
C TYR C 69 -9.38 8.98 13.14
N GLY C 70 -9.50 7.66 13.26
CA GLY C 70 -8.33 6.82 13.47
C GLY C 70 -7.55 6.58 12.19
N LYS C 71 -6.85 7.60 11.72
CA LYS C 71 -6.06 7.55 10.50
C LYS C 71 -4.75 8.30 10.76
N PRO C 72 -3.63 7.80 10.25
CA PRO C 72 -2.35 8.47 10.50
C PRO C 72 -2.31 9.88 9.93
N ASN C 73 -1.47 10.70 10.54
CA ASN C 73 -1.07 11.98 9.97
C ASN C 73 0.29 12.34 10.57
N LYS C 74 0.88 13.40 10.06
CA LYS C 74 2.28 13.71 10.33
C LYS C 74 2.49 14.61 11.54
N ARG C 75 1.43 15.06 12.21
CA ARG C 75 1.58 15.93 13.36
C ARG C 75 2.35 15.21 14.46
N LYS C 76 3.23 15.94 15.15
CA LYS C 76 4.15 15.34 16.11
C LYS C 76 3.40 14.56 17.19
N GLY C 77 3.80 13.31 17.38
CA GLY C 77 3.25 12.46 18.41
C GLY C 77 1.95 11.77 18.06
N PHE C 78 1.37 12.07 16.89
CA PHE C 78 0.04 11.56 16.57
C PHE C 78 0.05 10.05 16.36
N ASN C 79 0.99 9.57 15.55
CA ASN C 79 0.98 8.15 15.21
C ASN C 79 1.38 7.27 16.38
N GLU C 80 2.28 7.74 17.24
CA GLU C 80 2.52 7.03 18.49
C GLU C 80 1.27 7.02 19.36
N GLY C 81 0.50 8.11 19.34
CA GLY C 81 -0.76 8.13 20.08
C GLY C 81 -1.76 7.14 19.52
N LEU C 82 -1.80 6.98 18.19
CA LEU C 82 -2.67 5.98 17.59
C LEU C 82 -2.29 4.58 18.04
N TRP C 83 -0.99 4.33 18.24
CA TRP C 83 -0.57 3.02 18.73
C TRP C 83 -1.00 2.81 20.17
N GLU C 84 -0.91 3.85 21.00
CA GLU C 84 -1.23 3.72 22.42
C GLU C 84 -2.73 3.46 22.63
N ILE C 85 -3.58 4.20 21.92
CA ILE C 85 -5.01 4.09 22.17
C ILE C 85 -5.53 2.72 21.74
N GLN C 86 -4.86 2.07 20.79
CA GLN C 86 -5.28 0.76 20.30
C GLN C 86 -4.62 -0.39 21.06
N ASN C 87 -3.40 -0.18 21.56
CA ASN C 87 -2.60 -1.26 22.11
C ASN C 87 -2.27 -1.13 23.59
N ASN C 88 -2.25 0.08 24.15
CA ASN C 88 -1.97 0.20 25.58
C ASN C 88 -2.59 1.48 26.15
N PRO C 89 -3.93 1.58 26.20
CA PRO C 89 -4.55 2.88 26.50
C PRO C 89 -4.66 3.22 27.97
N HIS C 90 -4.12 2.42 28.89
CA HIS C 90 -4.28 2.69 30.31
C HIS C 90 -2.97 2.62 31.08
N ALA C 91 -1.84 2.80 30.40
CA ALA C 91 -0.56 2.88 31.10
C ALA C 91 -0.42 4.27 31.74
N SER C 92 0.57 4.40 32.62
CA SER C 92 0.78 5.65 33.33
C SER C 92 1.38 6.72 32.42
N TYR C 93 2.31 6.33 31.55
CA TYR C 93 3.00 7.25 30.65
C TYR C 93 3.62 8.43 31.38
S DMS D . 12.41 1.09 5.56
O DMS D . 11.60 1.86 4.54
C1 DMS D . 12.92 2.29 6.80
C2 DMS D . 14.05 0.82 4.83
S SO4 E . 6.22 8.17 12.24
O1 SO4 E . 7.22 9.04 11.55
O2 SO4 E . 5.46 7.38 11.22
O3 SO4 E . 6.94 7.24 13.18
O4 SO4 E . 5.26 9.02 13.01
S SO4 F . 15.42 9.19 10.58
O1 SO4 F . 14.99 9.99 9.39
O2 SO4 F . 14.47 8.05 10.78
O3 SO4 F . 16.80 8.65 10.33
O4 SO4 F . 15.43 10.05 11.80
C4 A1H6Y G . -1.60 -2.83 -20.36
C5 A1H6Y G . -1.89 -2.41 -19.08
C6 A1H6Y G . -1.05 -2.68 -18.02
C7 A1H6Y G . 0.11 -3.39 -18.24
C3 A1H6Y G . -0.42 -3.54 -20.58
C1 A1H6Y G . 2.94 -3.61 -20.68
S1 A1H6Y G . 1.91 -4.72 -19.81
O1 A1H6Y G . 2.51 -5.01 -18.54
O2 A1H6Y G . 1.60 -5.83 -20.68
C2 A1H6Y G . 0.42 -3.82 -19.52
BR1 A1H6Y G . -3.49 -1.43 -18.77
S SO4 H . 8.63 -13.80 -17.40
O1 SO4 H . 7.84 -13.51 -18.65
O2 SO4 H . 10.08 -13.50 -17.65
O3 SO4 H . 8.13 -12.95 -16.27
O4 SO4 H . 8.47 -15.25 -17.05
S SO4 I . 8.98 5.66 -20.46
O1 SO4 I . 7.55 5.83 -20.89
O2 SO4 I . 9.73 4.90 -21.51
O3 SO4 I . 9.59 7.02 -20.28
O4 SO4 I . 9.03 4.92 -19.16
S SO4 J . 13.87 0.14 -16.26
O1 SO4 J . 13.01 1.30 -15.88
O2 SO4 J . 15.10 0.62 -16.97
O3 SO4 J . 14.27 -0.60 -15.03
O4 SO4 J . 13.09 -0.75 -17.19
S DMS K . -2.08 17.27 21.48
O DMS K . -1.30 17.19 22.76
C1 DMS K . -0.96 17.96 20.24
C2 DMS K . -3.19 18.69 21.61
S SO4 L . 2.61 19.83 15.77
O1 SO4 L . 3.72 20.34 14.92
O2 SO4 L . 1.77 18.88 14.97
O3 SO4 L . 3.18 19.12 16.96
O4 SO4 L . 1.76 20.98 16.24
#